data_2X3G
#
_entry.id   2X3G
#
_cell.length_a   73.380
_cell.length_b   46.170
_cell.length_c   40.020
_cell.angle_alpha   90.00
_cell.angle_beta   101.83
_cell.angle_gamma   90.00
#
_symmetry.space_group_name_H-M   'C 1 2 1'
#
loop_
_entity.id
_entity.type
_entity.pdbx_description
1 polymer 'SIRV1 HYPOTHETICAL PROTEIN ORF119'
2 water water
#
_entity_poly.entity_id   1
_entity_poly.type   'polypeptide(L)'
_entity_poly.pdbx_seq_one_letter_code
;GDLKKVLNFHFSYIYTYFITITTNYKYGDTEKIFRKFRSYIYNHDKNSHVFSIKETTKNSNGLHYHILVFTNKKLDYSRV
HKH(MSE)PSHSDIRIELVPKSISDIKNVYKY(MSE)LKTKKDIK(MSE)S
;
_entity_poly.pdbx_strand_id   A
#
# COMPACT_ATOMS: atom_id res chain seq x y z
N GLY A 1 -7.62 -14.92 0.09
CA GLY A 1 -8.11 -14.42 -1.24
C GLY A 1 -7.21 -13.29 -1.71
N ASP A 2 -7.49 -12.08 -1.24
CA ASP A 2 -6.47 -11.05 -1.26
C ASP A 2 -5.34 -11.51 -0.33
N LEU A 3 -5.69 -12.08 0.82
CA LEU A 3 -4.68 -12.46 1.81
C LEU A 3 -3.79 -13.58 1.31
N LYS A 4 -4.37 -14.58 0.64
CA LYS A 4 -3.55 -15.66 0.08
C LYS A 4 -2.58 -15.08 -0.96
N LYS A 5 -3.04 -14.11 -1.75
CA LYS A 5 -2.15 -13.45 -2.70
C LYS A 5 -1.07 -12.66 -1.95
N VAL A 6 -1.47 -11.91 -0.93
CA VAL A 6 -0.52 -11.13 -0.13
C VAL A 6 0.55 -12.05 0.46
N LEU A 7 0.16 -13.20 1.01
CA LEU A 7 1.16 -14.12 1.57
C LEU A 7 2.11 -14.67 0.53
N ASN A 8 1.55 -15.09 -0.59
CA ASN A 8 2.33 -15.58 -1.70
C ASN A 8 3.37 -14.58 -2.21
N PHE A 9 2.94 -13.33 -2.41
CA PHE A 9 3.86 -12.30 -2.88
C PHE A 9 4.87 -11.96 -1.78
N HIS A 10 4.42 -11.87 -0.53
CA HIS A 10 5.32 -11.52 0.55
C HIS A 10 6.54 -12.45 0.58
N PHE A 11 6.30 -13.72 0.33
CA PHE A 11 7.34 -14.72 0.48
C PHE A 11 7.95 -15.17 -0.84
N SER A 12 7.68 -14.41 -1.92
CA SER A 12 8.33 -14.63 -3.22
C SER A 12 9.03 -13.40 -3.77
N TYR A 13 8.81 -12.24 -3.15
CA TYR A 13 9.49 -11.00 -3.53
C TYR A 13 10.46 -10.59 -2.44
N ILE A 14 11.60 -10.02 -2.85
CA ILE A 14 12.63 -9.69 -1.87
C ILE A 14 12.12 -8.64 -0.90
N TYR A 15 11.45 -7.63 -1.44
CA TYR A 15 11.02 -6.48 -0.66
C TYR A 15 9.50 -6.35 -0.63
N THR A 16 8.97 -6.23 0.59
CA THR A 16 7.56 -5.91 0.82
C THR A 16 7.54 -4.61 1.61
N TYR A 17 7.10 -3.54 0.94
CA TYR A 17 7.03 -2.21 1.57
C TYR A 17 5.59 -1.93 1.95
N PHE A 18 5.40 -1.54 3.22
CA PHE A 18 4.11 -1.12 3.76
C PHE A 18 4.18 0.39 3.90
N ILE A 19 3.42 1.09 3.05
CA ILE A 19 3.38 2.52 2.99
C ILE A 19 2.02 3.04 3.46
N THR A 20 2.04 3.96 4.43
CA THR A 20 0.86 4.62 4.88
C THR A 20 0.96 6.09 4.52
N ILE A 21 -0.10 6.61 3.91
CA ILE A 21 -0.14 8.00 3.45
C ILE A 21 -1.37 8.64 4.06
N THR A 22 -1.18 9.79 4.72
CA THR A 22 -2.28 10.58 5.21
C THR A 22 -2.18 12.00 4.68
N THR A 23 -3.33 12.59 4.36
CA THR A 23 -3.40 14.02 4.09
C THR A 23 -4.42 14.66 4.97
N ASN A 24 -4.36 15.98 5.10
CA ASN A 24 -5.39 16.73 5.82
C ASN A 24 -6.35 17.43 4.85
N TYR A 25 -6.49 16.90 3.64
CA TYR A 25 -7.49 17.39 2.70
C TYR A 25 -8.03 16.26 1.84
N LYS A 26 -9.27 16.42 1.35
CA LYS A 26 -9.96 15.38 0.61
C LYS A 26 -10.05 15.63 -0.90
N TYR A 27 -9.73 16.84 -1.33
CA TYR A 27 -9.69 17.15 -2.76
C TYR A 27 -8.54 16.39 -3.42
N GLY A 28 -8.72 16.07 -4.69
CA GLY A 28 -7.80 15.17 -5.38
C GLY A 28 -8.47 13.89 -5.84
N ASP A 29 -7.73 13.12 -6.62
CA ASP A 29 -8.29 12.04 -7.40
C ASP A 29 -7.56 10.74 -7.04
N THR A 30 -8.14 9.99 -6.12
CA THR A 30 -7.50 8.78 -5.60
C THR A 30 -7.32 7.72 -6.70
N GLU A 31 -8.17 7.75 -7.72
CA GLU A 31 -8.00 6.84 -8.85
C GLU A 31 -6.72 7.18 -9.60
N LYS A 32 -6.58 8.45 -9.97
CA LYS A 32 -5.43 8.92 -10.73
C LYS A 32 -4.13 8.74 -9.95
N ILE A 33 -4.19 9.05 -8.65
CA ILE A 33 -3.06 8.90 -7.74
C ILE A 33 -2.58 7.47 -7.71
N PHE A 34 -3.49 6.56 -7.37
CA PHE A 34 -3.15 5.14 -7.26
C PHE A 34 -2.67 4.58 -8.61
N ARG A 35 -3.38 4.91 -9.68
CA ARG A 35 -2.99 4.48 -11.03
C ARG A 35 -1.58 4.93 -11.39
N LYS A 36 -1.31 6.22 -11.24
CA LYS A 36 0.01 6.75 -11.58
C LYS A 36 1.10 6.21 -10.66
N PHE A 37 0.76 6.00 -9.38
CA PHE A 37 1.68 5.33 -8.47
C PHE A 37 1.95 3.90 -8.95
N ARG A 38 0.91 3.18 -9.35
CA ARG A 38 1.08 1.80 -9.79
C ARG A 38 1.96 1.74 -11.03
N SER A 39 1.77 2.73 -11.90
CA SER A 39 2.55 2.84 -13.15
C SER A 39 4.04 3.13 -12.89
N TYR A 40 4.31 4.04 -11.96
CA TYR A 40 5.66 4.24 -11.46
C TYR A 40 6.29 2.94 -10.92
N ILE A 41 5.58 2.21 -10.08
CA ILE A 41 6.10 0.95 -9.53
C ILE A 41 6.29 -0.10 -10.64
N TYR A 42 5.33 -0.17 -11.55
CA TYR A 42 5.48 -1.01 -12.75
C TYR A 42 6.74 -0.70 -13.55
N ASN A 43 7.03 0.59 -13.77
CA ASN A 43 8.25 0.98 -14.47
C ASN A 43 9.52 0.67 -13.65
N HIS A 44 9.39 0.73 -12.33
CA HIS A 44 10.47 0.40 -11.38
C HIS A 44 10.82 -1.11 -11.47
N ASP A 45 9.78 -1.93 -11.58
CA ASP A 45 9.91 -3.38 -11.59
C ASP A 45 8.68 -3.97 -12.28
N LYS A 46 8.84 -4.51 -13.48
CA LYS A 46 7.67 -4.98 -14.24
C LYS A 46 7.00 -6.21 -13.62
N ASN A 47 7.69 -6.91 -12.72
CA ASN A 47 7.12 -8.05 -11.97
C ASN A 47 6.42 -7.69 -10.66
N SER A 48 6.45 -6.40 -10.30
CA SER A 48 5.96 -5.95 -9.01
C SER A 48 4.46 -6.13 -8.90
N HIS A 49 3.98 -6.17 -7.65
CA HIS A 49 2.56 -6.14 -7.31
C HIS A 49 2.27 -5.07 -6.28
N VAL A 50 1.07 -4.51 -6.35
CA VAL A 50 0.71 -3.42 -5.45
C VAL A 50 -0.69 -3.67 -4.95
N PHE A 51 -0.83 -3.68 -3.63
CA PHE A 51 -2.10 -3.86 -2.95
C PHE A 51 -2.40 -2.53 -2.26
N SER A 52 -3.60 -2.01 -2.47
CA SER A 52 -3.92 -0.67 -2.00
C SER A 52 -5.27 -0.63 -1.35
N ILE A 53 -5.39 0.23 -0.33
CA ILE A 53 -6.62 0.47 0.41
C ILE A 53 -6.78 1.98 0.58
N LYS A 54 -7.95 2.50 0.25
CA LYS A 54 -8.34 3.86 0.64
C LYS A 54 -9.34 3.73 1.79
N GLU A 55 -9.02 4.34 2.93
CA GLU A 55 -9.91 4.35 4.07
C GLU A 55 -10.73 5.63 4.05
N THR A 56 -12.05 5.48 4.06
CA THR A 56 -12.95 6.64 4.13
C THR A 56 -13.74 6.61 5.44
N SER A 60 -12.46 11.83 7.78
CA SER A 60 -13.33 13.01 7.80
C SER A 60 -12.63 14.22 7.18
N ASN A 61 -11.49 14.62 7.76
CA ASN A 61 -10.75 15.79 7.29
C ASN A 61 -9.83 15.52 6.07
N GLY A 62 -9.30 14.30 5.96
CA GLY A 62 -8.33 14.02 4.93
C GLY A 62 -8.43 12.65 4.30
N LEU A 63 -7.36 12.28 3.59
CA LEU A 63 -7.24 10.97 2.97
C LEU A 63 -6.37 10.07 3.84
N HIS A 64 -6.63 8.78 3.76
CA HIS A 64 -5.83 7.78 4.43
C HIS A 64 -5.69 6.59 3.47
N TYR A 65 -4.45 6.35 3.03
CA TYR A 65 -4.15 5.24 2.11
C TYR A 65 -3.16 4.29 2.77
N HIS A 66 -3.33 3.00 2.52
CA HIS A 66 -2.34 2.00 2.90
C HIS A 66 -1.98 1.23 1.64
N ILE A 67 -0.70 0.98 1.44
CA ILE A 67 -0.22 0.35 0.25
C ILE A 67 0.83 -0.69 0.59
N LEU A 68 0.68 -1.91 0.06
CA LEU A 68 1.78 -2.87 0.02
C LEU A 68 2.36 -2.95 -1.36
N VAL A 69 3.67 -2.81 -1.44
CA VAL A 69 4.40 -2.93 -2.70
C VAL A 69 5.32 -4.16 -2.54
N PHE A 70 5.13 -5.13 -3.42
CA PHE A 70 6.00 -6.28 -3.53
C PHE A 70 6.90 -6.12 -4.74
N THR A 71 8.21 -6.17 -4.52
CA THR A 71 9.18 -5.85 -5.57
C THR A 71 10.53 -6.51 -5.24
N ASN A 72 11.31 -6.73 -6.30
CA ASN A 72 12.62 -7.35 -6.17
C ASN A 72 13.72 -6.32 -6.28
N LYS A 73 13.33 -5.06 -6.35
CA LYS A 73 14.28 -3.96 -6.48
C LYS A 73 13.97 -2.92 -5.44
N LYS A 74 14.98 -2.48 -4.69
CA LYS A 74 14.76 -1.51 -3.62
C LYS A 74 14.13 -0.26 -4.17
N LEU A 75 13.16 0.27 -3.44
CA LEU A 75 12.46 1.49 -3.80
C LEU A 75 13.32 2.68 -3.45
N ASP A 76 13.32 3.67 -4.36
CA ASP A 76 13.79 5.02 -4.06
C ASP A 76 12.66 5.77 -3.36
N TYR A 77 12.76 5.88 -2.04
CA TYR A 77 11.72 6.46 -1.22
C TYR A 77 11.30 7.89 -1.62
N SER A 78 12.23 8.70 -2.13
CA SER A 78 11.90 10.06 -2.57
C SER A 78 10.88 10.07 -3.72
N ARG A 79 10.90 9.03 -4.54
CA ARG A 79 9.94 8.90 -5.63
C ARG A 79 8.54 8.49 -5.16
N VAL A 80 8.47 7.75 -4.06
CA VAL A 80 7.20 7.45 -3.44
C VAL A 80 6.50 8.77 -3.12
N HIS A 81 7.23 9.71 -2.53
CA HIS A 81 6.66 11.01 -2.19
C HIS A 81 6.28 11.81 -3.42
N LYS A 82 7.10 11.76 -4.46
CA LYS A 82 6.82 12.49 -5.71
C LYS A 82 5.53 11.99 -6.37
N HIS A 83 5.23 10.71 -6.18
CA HIS A 83 4.01 10.11 -6.75
C HIS A 83 2.85 10.02 -5.77
N MSE A 84 2.91 10.82 -4.71
CA MSE A 84 1.83 10.90 -3.75
C MSE A 84 1.44 12.36 -3.58
O MSE A 84 2.22 13.25 -3.94
CB MSE A 84 2.25 10.26 -2.41
CG MSE A 84 2.15 8.74 -2.37
SE MSE A 84 0.29 8.11 -2.46
CE MSE A 84 0.47 6.72 -3.83
N PRO A 85 0.22 12.61 -3.06
CA PRO A 85 -0.27 13.98 -2.92
C PRO A 85 0.71 14.87 -2.18
N SER A 86 0.78 16.13 -2.61
CA SER A 86 1.66 17.11 -2.01
C SER A 86 1.37 17.25 -0.51
N HIS A 87 2.44 17.32 0.29
CA HIS A 87 2.34 17.52 1.72
C HIS A 87 1.65 16.36 2.45
N SER A 88 1.70 15.16 1.86
CA SER A 88 1.23 13.96 2.52
C SER A 88 2.15 13.66 3.67
N ASP A 89 1.61 13.10 4.75
CA ASP A 89 2.40 12.41 5.77
C ASP A 89 2.57 10.96 5.36
N ILE A 90 3.82 10.55 5.12
CA ILE A 90 4.10 9.25 4.56
C ILE A 90 5.03 8.48 5.50
N ARG A 91 4.72 7.22 5.74
CA ARG A 91 5.60 6.33 6.46
C ARG A 91 5.82 5.11 5.59
N ILE A 92 7.07 4.65 5.55
CA ILE A 92 7.43 3.49 4.77
C ILE A 92 8.17 2.50 5.67
N GLU A 93 7.74 1.25 5.65
CA GLU A 93 8.32 0.19 6.47
C GLU A 93 8.61 -0.98 5.55
N LEU A 94 9.70 -1.68 5.80
CA LEU A 94 9.92 -2.97 5.17
C LEU A 94 9.31 -3.97 6.07
N VAL A 95 8.40 -4.79 5.54
CA VAL A 95 7.74 -5.78 6.37
C VAL A 95 8.63 -7.02 6.45
N PRO A 96 9.04 -7.41 7.66
CA PRO A 96 9.91 -8.61 7.73
C PRO A 96 9.22 -9.88 7.21
N LYS A 97 10.03 -10.82 6.76
CA LYS A 97 9.53 -12.09 6.22
C LYS A 97 9.05 -13.04 7.29
N SER A 98 7.98 -12.66 8.00
CA SER A 98 7.36 -13.51 8.99
C SER A 98 5.87 -13.49 8.70
N ILE A 99 5.22 -14.63 8.93
CA ILE A 99 3.79 -14.79 8.66
C ILE A 99 3.01 -13.86 9.57
N SER A 100 3.40 -13.83 10.83
CA SER A 100 2.73 -12.99 11.82
C SER A 100 2.78 -11.52 11.44
N ASP A 101 3.92 -11.05 10.94
CA ASP A 101 4.07 -9.66 10.61
C ASP A 101 3.21 -9.26 9.42
N ILE A 102 3.24 -10.04 8.35
CA ILE A 102 2.47 -9.70 7.16
C ILE A 102 0.96 -9.80 7.43
N LYS A 103 0.55 -10.82 8.18
CA LYS A 103 -0.85 -10.94 8.56
C LYS A 103 -1.32 -9.81 9.44
N ASN A 104 -0.49 -9.34 10.36
CA ASN A 104 -0.88 -8.20 11.20
C ASN A 104 -0.99 -6.91 10.37
N VAL A 105 -0.13 -6.78 9.38
CA VAL A 105 -0.18 -5.64 8.47
C VAL A 105 -1.47 -5.70 7.64
N TYR A 106 -1.73 -6.85 7.03
CA TYR A 106 -2.97 -7.06 6.28
C TYR A 106 -4.22 -6.74 7.10
N LYS A 107 -4.25 -7.28 8.32
CA LYS A 107 -5.38 -7.07 9.22
C LYS A 107 -5.56 -5.58 9.49
N TYR A 108 -4.46 -4.86 9.67
CA TYR A 108 -4.50 -3.45 9.94
C TYR A 108 -5.04 -2.66 8.74
N MSE A 109 -4.58 -3.05 7.56
CA MSE A 109 -5.04 -2.43 6.32
C MSE A 109 -6.52 -2.64 6.05
O MSE A 109 -7.14 -1.74 5.50
CB MSE A 109 -4.24 -2.94 5.13
CG MSE A 109 -2.84 -2.48 5.15
SE MSE A 109 -1.79 -3.29 3.75
CE MSE A 109 -2.61 -2.52 2.13
N LEU A 110 -7.07 -3.78 6.44
CA LEU A 110 -8.47 -4.08 6.16
C LEU A 110 -9.43 -3.77 7.32
N LYS A 111 -8.93 -3.11 8.36
CA LYS A 111 -9.73 -2.95 9.58
C LYS A 111 -11.01 -2.13 9.37
N THR A 112 -10.99 -1.18 8.44
CA THR A 112 -12.19 -0.37 8.18
C THR A 112 -13.12 -1.01 7.13
N LYS A 113 -12.73 -2.18 6.62
CA LYS A 113 -13.40 -2.82 5.50
C LYS A 113 -14.19 -4.07 5.90
N LYS A 114 -14.31 -4.30 7.20
CA LYS A 114 -14.95 -5.50 7.72
C LYS A 114 -16.32 -5.08 8.28
N ASP A 115 -16.81 -5.83 9.25
CA ASP A 115 -18.06 -5.52 9.92
C ASP A 115 -19.23 -5.50 8.93
N ILE A 116 -19.20 -6.47 8.02
CA ILE A 116 -20.29 -6.73 7.08
C ILE A 116 -20.83 -8.12 7.44
N LYS A 117 -22.13 -8.20 7.75
CA LYS A 117 -22.70 -9.45 8.24
C LYS A 117 -24.11 -9.64 7.67
N MSE A 118 -24.36 -10.82 7.12
CA MSE A 118 -25.69 -11.20 6.68
C MSE A 118 -26.13 -12.38 7.49
O MSE A 118 -25.42 -13.40 7.54
CB MSE A 118 -25.71 -11.57 5.21
CG MSE A 118 -27.06 -12.15 4.71
SE MSE A 118 -28.47 -10.81 4.62
CE MSE A 118 -28.02 -10.05 2.86
N SER A 119 -27.30 -12.27 8.12
CA SER A 119 -27.98 -13.39 8.74
C SER A 119 -29.31 -13.63 8.06
#